data_6B92
#
_entry.id   6B92
#
_cell.length_a   190.351
_cell.length_b   190.351
_cell.length_c   190.351
_cell.angle_alpha   90.00
_cell.angle_beta   90.00
_cell.angle_gamma   90.00
#
_symmetry.space_group_name_H-M   'I 41 3 2'
#
loop_
_entity.id
_entity.type
_entity.pdbx_description
1 polymer 'U6 small nuclear RNA (adenine-(43)-N(6))-methyltransferase'
2 non-polymer 1,2-ETHANEDIOL
3 non-polymer S-ADENOSYL-L-HOMOCYSTEINE
4 water water
#
_entity_poly.entity_id   1
_entity_poly.type   'polypeptide(L)'
_entity_poly.pdbx_seq_one_letter_code
;SNAMALSKSMHARNRYKDKPPDFAYLASKYPDFKQHVQINLNGRVSLNFKDPEAVRALTCTLLREDFGLSIDIPLERLIP
TVPLRLNYIHWVEDLIGHQDSDKSTLRRGIDIGTGASCIYPLLGATLNGWYFLATEVDDMCFNYAKKNVEQNNLSDLIKV
VKVPQKTLLMDALKEESEIIYDFCMCNPPFFANQLEAKGVNSRNPRRPPPSSVNTGGITEIMAEGGELEFVKRIIHDSLQ
LKKRLRWYSCMLGKKCSLAPLKEELRIQGVPKVTYTEFCQGRTMRWALAWSFYD
;
_entity_poly.pdbx_strand_id   A
#
loop_
_chem_comp.id
_chem_comp.type
_chem_comp.name
_chem_comp.formula
EDO non-polymer 1,2-ETHANEDIOL 'C2 H6 O2'
#
# COMPACT_ATOMS: atom_id res chain seq x y z
N LYS A 8 16.55 -0.06 8.18
CA LYS A 8 16.70 -0.71 6.84
C LYS A 8 16.16 0.17 5.68
N SER A 9 16.88 0.14 4.55
CA SER A 9 16.73 1.09 3.42
C SER A 9 15.60 0.63 2.43
N MET A 10 15.53 1.20 1.23
CA MET A 10 14.74 0.60 0.15
C MET A 10 14.90 -0.91 -0.09
N HIS A 11 13.80 -1.57 -0.46
CA HIS A 11 13.88 -2.98 -0.87
C HIS A 11 14.90 -3.16 -2.01
N ALA A 12 15.73 -4.18 -1.93
CA ALA A 12 16.78 -4.44 -2.96
C ALA A 12 16.26 -4.47 -4.42
N ARG A 13 15.08 -5.03 -4.65
CA ARG A 13 14.43 -5.08 -5.97
C ARG A 13 13.59 -3.85 -6.36
N ASN A 14 13.49 -2.84 -5.49
CA ASN A 14 12.86 -1.57 -5.85
C ASN A 14 13.57 -0.89 -7.01
N ARG A 15 12.87 -0.64 -8.11
CA ARG A 15 13.50 0.00 -9.28
C ARG A 15 14.13 1.37 -8.98
N TYR A 16 13.63 2.07 -7.97
CA TYR A 16 14.18 3.38 -7.63
C TYR A 16 15.38 3.28 -6.70
N LYS A 17 15.81 2.07 -6.32
CA LYS A 17 16.95 1.91 -5.40
C LYS A 17 18.21 2.51 -6.00
N ASP A 18 18.52 2.12 -7.23
CA ASP A 18 19.67 2.68 -7.94
C ASP A 18 19.30 3.56 -9.12
N LYS A 19 18.02 3.70 -9.45
CA LYS A 19 17.58 4.65 -10.47
C LYS A 19 16.58 5.61 -9.83
N PRO A 20 17.04 6.58 -9.04
CA PRO A 20 16.08 7.53 -8.52
C PRO A 20 15.48 8.40 -9.63
N PRO A 21 14.31 8.96 -9.39
CA PRO A 21 13.68 9.79 -10.40
C PRO A 21 14.57 10.96 -10.81
N ASP A 22 14.62 11.21 -12.11
CA ASP A 22 15.41 12.27 -12.69
C ASP A 22 14.45 13.35 -13.02
N PHE A 23 14.43 14.41 -12.22
CA PHE A 23 13.50 15.49 -12.41
C PHE A 23 13.68 16.23 -13.73
N ALA A 24 14.91 16.39 -14.13
CA ALA A 24 15.25 17.07 -15.36
C ALA A 24 14.70 16.31 -16.54
N TYR A 25 14.98 15.00 -16.60
CA TYR A 25 14.39 14.15 -17.64
C TYR A 25 12.86 14.23 -17.64
N LEU A 26 12.25 14.09 -16.48
CA LEU A 26 10.80 14.10 -16.43
C LEU A 26 10.21 15.47 -16.87
N ALA A 27 10.89 16.57 -16.50
CA ALA A 27 10.47 17.91 -16.95
C ALA A 27 10.56 18.09 -18.46
N SER A 28 11.59 17.50 -19.07
CA SER A 28 11.83 17.59 -20.49
C SER A 28 10.77 16.85 -21.27
N LYS A 29 10.19 15.82 -20.68
CA LYS A 29 9.26 14.98 -21.41
C LYS A 29 7.78 15.29 -21.06
N TYR A 30 7.49 15.81 -19.86
CA TYR A 30 6.13 15.93 -19.39
C TYR A 30 5.86 17.39 -19.00
N PRO A 31 5.19 18.14 -19.89
CA PRO A 31 4.99 19.58 -19.64
C PRO A 31 4.10 19.86 -18.44
N ASP A 32 3.15 18.97 -18.12
CA ASP A 32 2.35 19.10 -16.89
C ASP A 32 3.18 18.88 -15.61
N PHE A 33 4.28 18.15 -15.72
CA PHE A 33 5.20 18.03 -14.60
C PHE A 33 6.15 19.24 -14.55
N LYS A 34 6.59 19.69 -15.70
CA LYS A 34 7.50 20.83 -15.74
C LYS A 34 6.95 22.11 -15.08
N GLN A 35 5.66 22.36 -15.23
CA GLN A 35 5.07 23.56 -14.59
C GLN A 35 5.13 23.53 -13.06
N HIS A 36 5.45 22.39 -12.43
CA HIS A 36 5.51 22.30 -10.98
C HIS A 36 6.92 22.19 -10.41
N VAL A 37 7.96 22.28 -11.23
CA VAL A 37 9.33 22.20 -10.69
C VAL A 37 9.95 23.60 -10.70
N GLN A 38 11.00 23.77 -9.92
CA GLN A 38 11.86 24.96 -9.98
C GLN A 38 13.34 24.56 -9.93
N ILE A 39 14.20 25.54 -10.16
CA ILE A 39 15.65 25.37 -10.04
C ILE A 39 16.11 25.75 -8.63
N ASN A 40 16.82 24.85 -7.96
CA ASN A 40 17.41 25.15 -6.65
C ASN A 40 18.75 25.91 -6.74
N LEU A 41 19.48 25.91 -5.63
CA LEU A 41 20.69 26.73 -5.42
C LEU A 41 21.83 26.11 -6.19
N ASN A 42 21.96 24.78 -6.04
CA ASN A 42 22.84 23.91 -6.86
C ASN A 42 22.59 23.92 -8.40
N GLY A 43 21.55 24.61 -8.88
CA GLY A 43 21.22 24.64 -10.34
C GLY A 43 20.52 23.36 -10.83
N ARG A 44 19.91 22.64 -9.89
CA ARG A 44 19.31 21.31 -10.16
CA ARG A 44 19.31 21.33 -10.16
C ARG A 44 17.80 21.44 -10.13
N VAL A 45 17.13 20.62 -10.92
CA VAL A 45 15.69 20.66 -10.99
C VAL A 45 15.17 20.06 -9.68
N SER A 46 14.28 20.79 -9.01
CA SER A 46 13.73 20.37 -7.76
C SER A 46 12.24 20.70 -7.68
N LEU A 47 11.65 20.24 -6.60
CA LEU A 47 10.24 20.25 -6.45
C LEU A 47 9.95 20.60 -4.99
N ASN A 48 8.91 21.39 -4.76
CA ASN A 48 8.47 21.67 -3.39
C ASN A 48 7.54 20.57 -2.84
N PHE A 49 8.10 19.68 -2.02
CA PHE A 49 7.36 18.51 -1.51
C PHE A 49 6.26 18.82 -0.47
N LYS A 50 6.06 20.10 -0.15
CA LYS A 50 4.92 20.55 0.64
C LYS A 50 3.78 21.10 -0.21
N ASP A 51 4.03 21.30 -1.51
CA ASP A 51 2.98 21.72 -2.43
C ASP A 51 2.22 20.47 -2.94
N PRO A 52 0.96 20.25 -2.50
CA PRO A 52 0.23 19.06 -2.97
C PRO A 52 0.07 18.95 -4.50
N GLU A 53 -0.06 20.08 -5.20
CA GLU A 53 -0.14 20.03 -6.67
C GLU A 53 1.10 19.42 -7.31
N ALA A 54 2.26 19.79 -6.77
CA ALA A 54 3.54 19.36 -7.29
C ALA A 54 3.77 17.90 -6.97
N VAL A 55 3.40 17.52 -5.75
CA VAL A 55 3.51 16.14 -5.30
C VAL A 55 2.56 15.26 -6.13
N ARG A 56 1.32 15.71 -6.36
CA ARG A 56 0.41 15.00 -7.25
C ARG A 56 1.01 14.83 -8.65
N ALA A 57 1.63 15.87 -9.19
CA ALA A 57 2.18 15.77 -10.54
C ALA A 57 3.30 14.74 -10.57
N LEU A 58 4.14 14.71 -9.53
CA LEU A 58 5.26 13.77 -9.50
C LEU A 58 4.75 12.31 -9.51
N THR A 59 3.81 12.03 -8.61
CA THR A 59 3.21 10.74 -8.48
C THR A 59 2.49 10.28 -9.76
N CYS A 60 1.66 11.14 -10.38
CA CYS A 60 1.01 10.80 -11.62
C CYS A 60 2.02 10.56 -12.78
N THR A 61 3.07 11.37 -12.78
CA THR A 61 4.12 11.27 -13.76
C THR A 61 4.92 10.01 -13.64
N LEU A 62 5.38 9.66 -12.44
CA LEU A 62 6.11 8.44 -12.24
C LEU A 62 5.29 7.21 -12.63
N LEU A 63 4.00 7.20 -12.28
CA LEU A 63 3.16 6.04 -12.58
C LEU A 63 3.03 5.88 -14.09
N ARG A 64 2.93 7.02 -14.79
CA ARG A 64 2.78 7.00 -16.24
C ARG A 64 4.08 6.58 -16.89
N GLU A 65 5.18 7.17 -16.44
CA GLU A 65 6.50 6.89 -17.01
C GLU A 65 7.02 5.50 -16.79
N ASP A 66 6.96 5.02 -15.55
CA ASP A 66 7.61 3.79 -15.20
C ASP A 66 6.64 2.57 -15.19
N PHE A 67 5.33 2.81 -15.12
CA PHE A 67 4.37 1.71 -15.03
C PHE A 67 3.26 1.69 -16.09
N GLY A 68 3.22 2.69 -16.99
CA GLY A 68 2.13 2.86 -17.95
C GLY A 68 0.75 3.06 -17.36
N LEU A 69 0.66 3.64 -16.16
CA LEU A 69 -0.61 3.85 -15.52
C LEU A 69 -0.99 5.31 -15.60
N SER A 70 -2.25 5.58 -15.92
CA SER A 70 -2.80 6.92 -15.91
C SER A 70 -3.76 6.99 -14.77
N ILE A 71 -3.47 7.88 -13.83
CA ILE A 71 -4.36 8.05 -12.74
C ILE A 71 -4.76 9.52 -12.54
N ASP A 72 -5.94 9.69 -11.97
N ASP A 72 -5.98 9.69 -12.05
CA ASP A 72 -6.49 10.98 -11.68
CA ASP A 72 -6.54 10.98 -11.69
C ASP A 72 -6.85 10.90 -10.21
C ASP A 72 -6.82 10.88 -10.20
N ILE A 73 -6.29 11.81 -9.41
CA ILE A 73 -6.53 11.85 -7.98
C ILE A 73 -6.77 13.28 -7.51
N PRO A 74 -7.57 13.44 -6.42
CA PRO A 74 -7.88 14.77 -5.88
C PRO A 74 -6.75 15.32 -4.97
N LEU A 75 -6.71 16.64 -4.80
CA LEU A 75 -5.80 17.27 -3.82
C LEU A 75 -6.24 17.06 -2.36
N GLU A 76 -7.51 16.70 -2.16
CA GLU A 76 -8.15 16.62 -0.85
C GLU A 76 -8.08 15.25 -0.22
N ARG A 77 -7.37 14.30 -0.82
CA ARG A 77 -7.14 13.00 -0.21
C ARG A 77 -5.67 12.65 -0.32
N LEU A 78 -5.23 11.69 0.48
CA LEU A 78 -3.80 11.32 0.52
C LEU A 78 -3.21 11.02 -0.88
N ILE A 79 -2.08 11.67 -1.16
CA ILE A 79 -1.29 11.43 -2.36
C ILE A 79 -0.11 10.53 -2.01
N PRO A 80 -0.07 9.33 -2.59
CA PRO A 80 1.00 8.41 -2.23
C PRO A 80 2.33 8.75 -2.89
N THR A 81 3.38 8.29 -2.23
CA THR A 81 4.72 8.36 -2.74
C THR A 81 5.19 7.01 -3.29
N VAL A 82 5.35 6.95 -4.59
CA VAL A 82 5.43 5.73 -5.34
C VAL A 82 6.65 4.90 -4.97
N PRO A 83 7.83 5.51 -4.90
CA PRO A 83 8.97 4.65 -4.53
C PRO A 83 8.80 3.93 -3.22
N LEU A 84 8.15 4.56 -2.25
CA LEU A 84 7.95 3.98 -0.93
C LEU A 84 6.97 2.81 -1.01
N ARG A 85 5.87 3.00 -1.75
CA ARG A 85 4.86 1.92 -1.90
C ARG A 85 5.43 0.64 -2.53
N LEU A 86 6.37 0.77 -3.47
CA LEU A 86 6.99 -0.37 -4.08
C LEU A 86 7.68 -1.29 -3.09
N ASN A 87 8.23 -0.72 -2.02
CA ASN A 87 8.83 -1.56 -0.96
C ASN A 87 7.84 -2.56 -0.40
N TYR A 88 6.60 -2.12 -0.19
CA TYR A 88 5.56 -3.01 0.32
C TYR A 88 5.27 -4.12 -0.67
N ILE A 89 5.18 -3.80 -1.98
CA ILE A 89 4.91 -4.77 -3.01
C ILE A 89 6.00 -5.83 -3.00
N HIS A 90 7.26 -5.43 -2.99
CA HIS A 90 8.37 -6.36 -3.01
C HIS A 90 8.48 -7.20 -1.73
N TRP A 91 8.13 -6.62 -0.60
CA TRP A 91 8.10 -7.39 0.66
C TRP A 91 7.04 -8.49 0.66
N VAL A 92 5.86 -8.16 0.15
CA VAL A 92 4.80 -9.13 0.04
C VAL A 92 5.25 -10.22 -0.93
N GLU A 93 5.90 -9.86 -2.04
CA GLU A 93 6.49 -10.85 -2.92
C GLU A 93 7.40 -11.85 -2.13
N ASP A 94 8.25 -11.33 -1.27
CA ASP A 94 9.12 -12.19 -0.48
C ASP A 94 8.30 -13.06 0.45
N LEU A 95 7.31 -12.48 1.13
CA LEU A 95 6.51 -13.25 2.08
C LEU A 95 5.84 -14.46 1.46
N ILE A 96 5.28 -14.27 0.26
CA ILE A 96 4.53 -15.36 -0.37
C ILE A 96 5.33 -16.27 -1.28
N GLY A 97 6.65 -16.09 -1.38
CA GLY A 97 7.44 -16.91 -2.30
C GLY A 97 7.30 -16.64 -3.81
N HIS A 98 6.91 -15.41 -4.14
CA HIS A 98 6.66 -15.02 -5.51
C HIS A 98 7.85 -15.25 -6.43
N GLN A 99 9.07 -14.97 -5.99
CA GLN A 99 10.27 -15.13 -6.83
C GLN A 99 10.51 -16.57 -7.25
N ASP A 100 10.09 -17.54 -6.42
CA ASP A 100 10.33 -18.93 -6.72
C ASP A 100 9.19 -19.74 -7.30
N SER A 101 8.10 -19.07 -7.67
CA SER A 101 7.04 -19.74 -8.39
C SER A 101 6.96 -19.18 -9.82
N ASP A 102 5.97 -19.64 -10.56
CA ASP A 102 5.75 -19.26 -11.96
C ASP A 102 4.34 -18.66 -12.12
N LYS A 103 4.05 -18.26 -13.34
CA LYS A 103 2.76 -17.68 -13.74
C LYS A 103 1.54 -18.56 -13.55
N SER A 104 1.71 -19.88 -13.55
CA SER A 104 0.58 -20.78 -13.28
C SER A 104 -0.11 -20.58 -11.90
N THR A 105 0.54 -19.90 -10.94
CA THR A 105 -0.05 -19.67 -9.64
C THR A 105 -0.64 -18.26 -9.58
N LEU A 106 -1.96 -18.17 -9.56
CA LEU A 106 -2.66 -16.92 -9.39
C LEU A 106 -2.65 -16.57 -7.92
N ARG A 107 -2.35 -15.30 -7.61
CA ARG A 107 -2.34 -14.79 -6.25
C ARG A 107 -3.49 -13.83 -6.03
N ARG A 108 -4.02 -13.79 -4.80
N ARG A 108 -4.02 -13.80 -4.81
CA ARG A 108 -5.24 -13.05 -4.43
CA ARG A 108 -5.18 -13.01 -4.46
C ARG A 108 -5.07 -12.21 -3.14
C ARG A 108 -4.89 -12.21 -3.20
N GLY A 109 -5.00 -10.88 -3.30
CA GLY A 109 -4.71 -9.97 -2.20
C GLY A 109 -5.91 -9.15 -1.78
N ILE A 110 -5.84 -8.56 -0.61
CA ILE A 110 -6.84 -7.64 -0.12
C ILE A 110 -6.06 -6.38 0.27
N ASP A 111 -6.48 -5.24 -0.25
CA ASP A 111 -5.92 -3.97 0.16
C ASP A 111 -7.01 -3.25 0.97
N ILE A 112 -6.74 -3.04 2.24
CA ILE A 112 -7.67 -2.43 3.17
C ILE A 112 -7.48 -0.93 3.16
N GLY A 113 -8.47 -0.19 2.66
CA GLY A 113 -8.39 1.25 2.58
C GLY A 113 -7.51 1.65 1.42
N THR A 114 -7.97 1.37 0.21
CA THR A 114 -7.12 1.43 -0.97
C THR A 114 -6.76 2.84 -1.38
N GLY A 115 -7.56 3.83 -0.98
CA GLY A 115 -7.26 5.24 -1.28
C GLY A 115 -7.65 5.62 -2.71
N ALA A 116 -7.62 6.91 -2.98
CA ALA A 116 -8.05 7.44 -4.26
C ALA A 116 -7.20 6.94 -5.43
N SER A 117 -5.93 6.70 -5.19
CA SER A 117 -4.97 6.23 -6.22
C SER A 117 -5.10 4.73 -6.49
N CYS A 118 -5.75 3.99 -5.58
CA CYS A 118 -5.76 2.52 -5.63
C CYS A 118 -4.38 1.95 -5.96
N ILE A 119 -3.37 2.48 -5.27
CA ILE A 119 -2.02 2.28 -5.73
C ILE A 119 -1.44 0.89 -5.49
N TYR A 120 -1.70 0.24 -4.35
CA TYR A 120 -1.14 -1.08 -4.15
C TYR A 120 -1.72 -2.06 -5.16
N PRO A 121 -3.04 -2.06 -5.38
CA PRO A 121 -3.57 -2.97 -6.36
C PRO A 121 -3.11 -2.69 -7.80
N LEU A 122 -3.06 -1.41 -8.17
CA LEU A 122 -2.55 -1.05 -9.49
C LEU A 122 -1.12 -1.53 -9.68
N LEU A 123 -0.25 -1.31 -8.72
CA LEU A 123 1.12 -1.81 -8.86
C LEU A 123 1.20 -3.34 -8.89
N GLY A 124 0.47 -3.99 -8.00
CA GLY A 124 0.56 -5.42 -7.89
C GLY A 124 -0.07 -6.11 -9.06
N ALA A 125 -1.20 -5.60 -9.52
CA ALA A 125 -1.82 -6.17 -10.73
C ALA A 125 -0.91 -5.94 -11.96
N THR A 126 -0.31 -4.74 -12.06
CA THR A 126 0.51 -4.41 -13.22
C THR A 126 1.81 -5.24 -13.25
N LEU A 127 2.53 -5.24 -12.16
CA LEU A 127 3.78 -5.98 -12.11
C LEU A 127 3.62 -7.49 -12.11
N ASN A 128 2.64 -8.03 -11.39
CA ASN A 128 2.62 -9.47 -11.11
C ASN A 128 1.35 -10.17 -11.54
N GLY A 129 0.35 -9.46 -12.08
CA GLY A 129 -0.90 -10.08 -12.43
C GLY A 129 -1.69 -10.59 -11.21
N TRP A 130 -1.48 -9.99 -10.04
CA TRP A 130 -2.19 -10.32 -8.85
C TRP A 130 -3.61 -9.75 -8.89
N TYR A 131 -4.56 -10.52 -8.34
CA TYR A 131 -5.94 -10.10 -8.11
C TYR A 131 -5.99 -9.39 -6.80
N PHE A 132 -6.89 -8.42 -6.67
CA PHE A 132 -7.11 -7.69 -5.41
C PHE A 132 -8.60 -7.45 -5.18
N LEU A 133 -9.01 -7.64 -3.94
CA LEU A 133 -10.19 -6.98 -3.40
C LEU A 133 -9.67 -5.70 -2.74
N ALA A 134 -10.19 -4.54 -3.12
CA ALA A 134 -9.68 -3.27 -2.63
C ALA A 134 -10.84 -2.55 -1.93
N THR A 135 -10.73 -2.34 -0.61
CA THR A 135 -11.85 -1.78 0.16
C THR A 135 -11.61 -0.33 0.48
N GLU A 136 -12.71 0.40 0.58
CA GLU A 136 -12.70 1.80 1.03
C GLU A 136 -14.00 2.14 1.77
N VAL A 137 -13.89 2.95 2.82
CA VAL A 137 -15.06 3.55 3.48
C VAL A 137 -15.40 4.94 2.97
N ASP A 138 -14.39 5.66 2.47
CA ASP A 138 -14.57 7.03 2.03
C ASP A 138 -15.15 7.07 0.61
N ASP A 139 -16.22 7.85 0.43
CA ASP A 139 -16.90 7.92 -0.87
C ASP A 139 -16.03 8.48 -2.02
N MET A 140 -15.31 9.55 -1.75
CA MET A 140 -14.50 10.19 -2.76
C MET A 140 -13.38 9.21 -3.18
N CYS A 141 -12.67 8.64 -2.20
CA CYS A 141 -11.59 7.70 -2.49
C CYS A 141 -12.12 6.51 -3.26
N PHE A 142 -13.27 5.99 -2.85
CA PHE A 142 -13.90 4.85 -3.53
C PHE A 142 -14.16 5.18 -4.99
N ASN A 143 -14.77 6.34 -5.26
CA ASN A 143 -15.09 6.70 -6.63
C ASN A 143 -13.85 6.86 -7.49
N TYR A 144 -12.85 7.56 -6.96
CA TYR A 144 -11.61 7.77 -7.70
C TYR A 144 -10.89 6.44 -7.93
N ALA A 145 -10.86 5.56 -6.93
CA ALA A 145 -10.16 4.28 -7.04
C ALA A 145 -10.79 3.46 -8.11
N LYS A 146 -12.12 3.47 -8.14
CA LYS A 146 -12.83 2.74 -9.12
C LYS A 146 -12.59 3.29 -10.55
N LYS A 147 -12.59 4.61 -10.73
CA LYS A 147 -12.24 5.20 -12.06
C LYS A 147 -10.80 4.84 -12.46
N ASN A 148 -9.90 4.85 -11.51
CA ASN A 148 -8.49 4.57 -11.79
C ASN A 148 -8.24 3.13 -12.28
N VAL A 149 -8.96 2.17 -11.74
CA VAL A 149 -8.89 0.77 -12.15
C VAL A 149 -9.46 0.63 -13.52
N GLU A 150 -10.65 1.21 -13.74
CA GLU A 150 -11.30 1.11 -15.00
C GLU A 150 -10.52 1.82 -16.11
N GLN A 151 -10.00 3.02 -15.87
CA GLN A 151 -9.25 3.71 -16.93
C GLN A 151 -7.92 3.03 -17.31
N ASN A 152 -7.37 2.22 -16.40
CA ASN A 152 -6.24 1.36 -16.72
C ASN A 152 -6.60 -0.07 -17.10
N ASN A 153 -7.88 -0.34 -17.30
CA ASN A 153 -8.40 -1.59 -17.79
C ASN A 153 -8.03 -2.79 -16.95
N LEU A 154 -8.00 -2.60 -15.62
CA LEU A 154 -7.65 -3.61 -14.67
C LEU A 154 -8.81 -4.12 -13.79
N SER A 155 -10.05 -3.92 -14.22
CA SER A 155 -11.21 -4.37 -13.44
C SER A 155 -11.41 -5.89 -13.42
N ASP A 156 -10.85 -6.64 -14.37
N ASP A 156 -10.84 -6.55 -14.44
CA ASP A 156 -10.89 -8.11 -14.25
CA ASP A 156 -10.62 -7.99 -14.51
C ASP A 156 -9.92 -8.58 -13.15
C ASP A 156 -9.91 -8.54 -13.25
N LEU A 157 -8.95 -7.78 -12.74
CA LEU A 157 -8.08 -8.17 -11.64
C LEU A 157 -8.38 -7.49 -10.32
N ILE A 158 -8.91 -6.27 -10.35
CA ILE A 158 -9.09 -5.49 -9.14
C ILE A 158 -10.58 -5.17 -8.96
N LYS A 159 -11.14 -5.59 -7.83
CA LYS A 159 -12.51 -5.29 -7.47
C LYS A 159 -12.50 -4.27 -6.33
N VAL A 160 -12.95 -3.06 -6.64
CA VAL A 160 -13.00 -1.99 -5.67
C VAL A 160 -14.39 -2.04 -5.02
N VAL A 161 -14.46 -2.07 -3.69
CA VAL A 161 -15.73 -2.14 -2.96
C VAL A 161 -15.81 -1.08 -1.85
N LYS A 162 -16.92 -0.37 -1.80
CA LYS A 162 -17.23 0.48 -0.68
C LYS A 162 -17.80 -0.42 0.43
N VAL A 163 -17.23 -0.28 1.62
CA VAL A 163 -17.67 -1.04 2.78
C VAL A 163 -18.19 -0.07 3.83
N PRO A 164 -19.03 -0.57 4.75
CA PRO A 164 -19.51 0.34 5.79
C PRO A 164 -18.41 0.77 6.75
N GLN A 165 -18.60 1.98 7.27
CA GLN A 165 -17.74 2.61 8.29
C GLN A 165 -17.12 1.74 9.40
N LYS A 166 -17.88 0.78 9.89
CA LYS A 166 -17.47 0.04 11.08
C LYS A 166 -16.80 -1.27 10.77
N THR A 167 -16.61 -1.60 9.49
CA THR A 167 -16.24 -2.94 9.09
C THR A 167 -14.80 -3.01 8.65
N LEU A 168 -14.29 -4.22 8.57
CA LEU A 168 -12.93 -4.42 8.17
C LEU A 168 -12.89 -5.68 7.30
N LEU A 169 -12.15 -6.71 7.69
CA LEU A 169 -11.86 -7.82 6.79
C LEU A 169 -13.01 -8.82 6.74
N MET A 170 -13.49 -9.21 7.92
CA MET A 170 -14.54 -10.24 8.06
C MET A 170 -15.83 -9.94 7.33
N ASP A 171 -16.31 -8.72 7.45
CA ASP A 171 -17.55 -8.36 6.77
C ASP A 171 -17.36 -8.35 5.27
N ALA A 172 -16.13 -8.12 4.80
CA ALA A 172 -15.85 -8.16 3.37
C ALA A 172 -15.79 -9.59 2.78
N LEU A 173 -15.60 -10.63 3.60
CA LEU A 173 -15.28 -12.01 3.13
C LEU A 173 -16.34 -13.13 3.39
N LYS A 174 -17.47 -12.97 2.72
CA LYS A 174 -18.63 -13.90 2.89
C LYS A 174 -18.81 -14.91 1.69
N GLU A 175 -20.03 -15.38 1.40
CA GLU A 175 -20.31 -16.37 0.32
C GLU A 175 -19.83 -15.93 -1.09
N GLU A 176 -19.80 -14.61 -1.28
CA GLU A 176 -19.13 -13.99 -2.44
C GLU A 176 -17.61 -14.24 -2.51
N SER A 177 -16.94 -14.48 -1.39
CA SER A 177 -15.49 -14.41 -1.38
C SER A 177 -14.78 -15.60 -2.09
N GLU A 178 -13.51 -15.36 -2.40
CA GLU A 178 -12.59 -16.42 -2.74
C GLU A 178 -12.39 -17.26 -1.47
N ILE A 179 -12.10 -18.53 -1.66
CA ILE A 179 -11.93 -19.45 -0.53
C ILE A 179 -10.73 -19.02 0.31
N ILE A 180 -9.57 -18.93 -0.35
CA ILE A 180 -8.29 -18.60 0.25
C ILE A 180 -7.72 -17.35 -0.47
N TYR A 181 -7.24 -16.40 0.33
CA TYR A 181 -6.47 -15.22 -0.15
C TYR A 181 -5.05 -15.42 0.29
N ASP A 182 -4.12 -14.91 -0.51
CA ASP A 182 -2.71 -15.02 -0.21
C ASP A 182 -2.24 -14.01 0.84
N PHE A 183 -2.80 -12.80 0.83
CA PHE A 183 -2.36 -11.75 1.79
C PHE A 183 -3.38 -10.59 1.92
N CYS A 184 -3.31 -9.87 3.03
CA CYS A 184 -3.88 -8.54 3.09
C CYS A 184 -2.74 -7.54 3.32
N MET A 185 -3.00 -6.29 2.90
CA MET A 185 -2.10 -5.17 3.00
C MET A 185 -2.87 -4.00 3.56
N CYS A 186 -2.15 -3.13 4.23
CA CYS A 186 -2.74 -1.93 4.82
C CYS A 186 -1.64 -0.95 5.17
N ASN A 187 -1.81 0.31 4.91
CA ASN A 187 -0.81 1.30 5.42
C ASN A 187 -1.52 2.45 6.10
N PRO A 188 -0.76 3.47 6.64
CA PRO A 188 -1.34 4.69 7.25
C PRO A 188 -1.87 5.72 6.19
N PRO A 189 -2.64 6.78 6.60
CA PRO A 189 -2.99 7.11 8.02
C PRO A 189 -4.16 6.33 8.63
N PHE A 190 -4.17 6.24 9.94
CA PHE A 190 -5.16 5.42 10.67
C PHE A 190 -6.15 6.22 11.57
N ILE A 218 -1.87 13.47 34.88
CA ILE A 218 -3.05 12.88 35.56
C ILE A 218 -3.28 11.37 35.28
N THR A 219 -3.49 10.99 34.04
CA THR A 219 -3.59 9.57 33.70
C THR A 219 -2.19 9.08 33.31
N GLU A 220 -1.63 8.13 34.07
CA GLU A 220 -0.28 7.60 33.75
C GLU A 220 -0.23 6.87 32.40
N ILE A 221 -1.21 5.99 32.19
CA ILE A 221 -1.31 5.17 30.97
C ILE A 221 -1.44 6.04 29.70
N MET A 222 -0.60 5.76 28.71
CA MET A 222 -0.70 6.40 27.41
C MET A 222 -1.81 5.73 26.59
N ALA A 223 -2.64 6.55 25.96
CA ALA A 223 -3.63 6.10 24.97
C ALA A 223 -3.00 5.24 23.88
N GLU A 224 -3.75 4.24 23.43
CA GLU A 224 -3.33 3.47 22.24
C GLU A 224 -2.97 4.32 21.02
N GLY A 225 -3.80 5.34 20.72
CA GLY A 225 -3.71 6.10 19.47
C GLY A 225 -4.28 5.38 18.24
N GLY A 226 -4.48 6.14 17.15
CA GLY A 226 -5.16 5.67 15.93
C GLY A 226 -4.56 4.42 15.29
N GLU A 227 -3.25 4.38 15.15
CA GLU A 227 -2.58 3.31 14.42
C GLU A 227 -2.66 1.98 15.16
N LEU A 228 -2.32 2.00 16.44
CA LEU A 228 -2.41 0.82 17.28
C LEU A 228 -3.83 0.24 17.36
N GLU A 229 -4.84 1.08 17.57
CA GLU A 229 -6.23 0.62 17.56
C GLU A 229 -6.56 -0.07 16.23
N PHE A 230 -6.14 0.53 15.12
CA PHE A 230 -6.59 0.07 13.83
C PHE A 230 -5.99 -1.28 13.54
N VAL A 231 -4.70 -1.44 13.78
CA VAL A 231 -4.04 -2.71 13.50
C VAL A 231 -4.59 -3.80 14.40
N LYS A 232 -5.00 -3.44 15.60
CA LYS A 232 -5.61 -4.44 16.52
C LYS A 232 -6.96 -5.00 16.03
N ARG A 233 -7.73 -4.17 15.34
CA ARG A 233 -8.90 -4.61 14.57
C ARG A 233 -8.51 -5.65 13.51
N ILE A 234 -7.41 -5.45 12.80
CA ILE A 234 -6.96 -6.44 11.81
C ILE A 234 -6.61 -7.76 12.53
N ILE A 235 -5.88 -7.67 13.65
CA ILE A 235 -5.51 -8.87 14.40
C ILE A 235 -6.76 -9.64 14.88
N HIS A 236 -7.71 -8.87 15.40
CA HIS A 236 -8.98 -9.42 15.85
C HIS A 236 -9.69 -10.17 14.71
N ASP A 237 -9.80 -9.58 13.53
CA ASP A 237 -10.41 -10.28 12.40
C ASP A 237 -9.62 -11.53 11.98
N SER A 238 -8.29 -11.45 12.05
CA SER A 238 -7.41 -12.56 11.67
C SER A 238 -7.62 -13.79 12.57
N LEU A 239 -7.97 -13.55 13.83
CA LEU A 239 -8.28 -14.67 14.77
C LEU A 239 -9.56 -15.47 14.44
N GLN A 240 -10.49 -14.86 13.70
N GLN A 240 -10.49 -14.85 13.72
CA GLN A 240 -11.62 -15.54 13.10
CA GLN A 240 -11.65 -15.51 13.12
C GLN A 240 -11.28 -16.17 11.76
C GLN A 240 -11.32 -16.13 11.75
N LEU A 241 -10.63 -15.41 10.87
CA LEU A 241 -10.35 -15.88 9.51
C LEU A 241 -9.29 -16.96 9.43
N LYS A 242 -8.31 -16.87 10.35
CA LYS A 242 -7.20 -17.79 10.48
C LYS A 242 -6.58 -18.16 9.11
N LYS A 243 -6.71 -19.40 8.66
CA LYS A 243 -6.04 -19.86 7.46
C LYS A 243 -6.71 -19.45 6.16
N ARG A 244 -7.81 -18.71 6.22
CA ARG A 244 -8.37 -18.16 4.98
C ARG A 244 -7.51 -17.13 4.29
N LEU A 245 -6.53 -16.58 4.97
CA LEU A 245 -5.49 -15.82 4.37
C LEU A 245 -4.15 -16.44 4.70
N ARG A 246 -3.24 -16.49 3.74
CA ARG A 246 -1.92 -17.02 4.03
C ARG A 246 -1.10 -16.08 4.96
N TRP A 247 -1.17 -14.78 4.71
CA TRP A 247 -0.43 -13.77 5.53
C TRP A 247 -1.36 -12.58 5.77
N TYR A 248 -1.33 -12.04 6.99
CA TYR A 248 -1.93 -10.75 7.33
C TYR A 248 -0.72 -9.85 7.39
N SER A 249 -0.85 -8.60 6.90
CA SER A 249 0.20 -7.61 7.02
C SER A 249 -0.31 -6.17 7.14
N CYS A 250 0.51 -5.32 7.74
N CYS A 250 0.53 -5.33 7.70
CA CYS A 250 0.24 -3.89 7.85
CA CYS A 250 0.33 -3.92 7.71
C CYS A 250 1.54 -3.07 7.91
C CYS A 250 1.68 -3.23 7.54
N MET A 251 1.64 -1.99 7.12
CA MET A 251 2.83 -1.08 7.14
C MET A 251 2.54 0.00 8.16
N LEU A 252 3.41 0.11 9.16
CA LEU A 252 3.22 1.05 10.26
C LEU A 252 3.98 2.39 9.96
N GLY A 253 3.35 3.52 10.27
CA GLY A 253 4.00 4.82 10.24
C GLY A 253 4.70 5.22 11.54
N LYS A 254 4.49 4.50 12.64
CA LYS A 254 5.11 4.84 13.95
C LYS A 254 5.91 3.67 14.48
N LYS A 255 7.19 3.91 14.73
CA LYS A 255 8.06 2.96 15.44
C LYS A 255 7.40 2.37 16.70
N CYS A 256 6.76 3.22 17.52
CA CYS A 256 6.15 2.77 18.81
C CYS A 256 4.97 1.72 18.66
N SER A 257 4.37 1.62 17.48
CA SER A 257 3.33 0.61 17.22
C SER A 257 3.83 -0.83 17.27
N LEU A 258 5.07 -1.06 16.84
CA LEU A 258 5.55 -2.41 16.56
C LEU A 258 5.59 -3.34 17.78
N ALA A 259 6.18 -2.89 18.87
CA ALA A 259 6.36 -3.77 20.05
C ALA A 259 5.03 -4.23 20.71
N PRO A 260 4.11 -3.29 20.96
CA PRO A 260 2.81 -3.73 21.49
C PRO A 260 2.00 -4.59 20.49
N LEU A 261 2.12 -4.35 19.19
CA LEU A 261 1.48 -5.25 18.22
C LEU A 261 2.07 -6.65 18.29
N LYS A 262 3.41 -6.78 18.38
CA LYS A 262 4.06 -8.09 18.58
C LYS A 262 3.54 -8.80 19.82
N GLU A 263 3.36 -8.05 20.89
CA GLU A 263 2.92 -8.60 22.18
C GLU A 263 1.47 -9.11 22.10
N GLU A 264 0.62 -8.33 21.45
CA GLU A 264 -0.75 -8.78 21.25
C GLU A 264 -0.76 -10.07 20.44
N LEU A 265 0.09 -10.15 19.40
CA LEU A 265 0.18 -11.39 18.61
C LEU A 265 0.68 -12.60 19.48
N ARG A 266 1.66 -12.35 20.34
CA ARG A 266 2.19 -13.41 21.26
C ARG A 266 1.07 -13.90 22.16
N ILE A 267 0.42 -12.95 22.82
CA ILE A 267 -0.70 -13.25 23.74
C ILE A 267 -1.73 -14.18 23.10
N GLN A 268 -2.07 -13.90 21.82
CA GLN A 268 -3.13 -14.65 21.10
C GLN A 268 -2.67 -15.95 20.50
N GLY A 269 -1.40 -16.31 20.65
CA GLY A 269 -0.93 -17.62 20.20
C GLY A 269 -0.68 -17.67 18.69
N VAL A 270 -0.44 -16.51 18.07
CA VAL A 270 -0.28 -16.48 16.62
C VAL A 270 1.09 -17.10 16.34
N PRO A 271 1.13 -18.15 15.52
CA PRO A 271 2.35 -18.95 15.50
C PRO A 271 3.50 -18.42 14.61
N LYS A 272 3.21 -17.58 13.62
CA LYS A 272 4.24 -17.15 12.68
C LYS A 272 4.16 -15.62 12.55
N VAL A 273 5.19 -14.94 13.02
CA VAL A 273 5.29 -13.47 12.97
C VAL A 273 6.61 -13.05 12.30
N THR A 274 6.58 -12.03 11.42
CA THR A 274 7.79 -11.49 10.80
C THR A 274 7.67 -9.96 10.63
N TYR A 275 8.79 -9.27 10.62
CA TYR A 275 8.75 -7.82 10.51
C TYR A 275 10.01 -7.33 9.89
N THR A 276 9.93 -6.14 9.29
CA THR A 276 11.09 -5.49 8.74
C THR A 276 10.83 -3.99 8.66
N GLU A 277 11.77 -3.22 8.11
CA GLU A 277 11.59 -1.76 7.95
C GLU A 277 11.99 -1.27 6.57
N PHE A 278 11.33 -0.23 6.11
CA PHE A 278 11.68 0.39 4.87
C PHE A 278 11.54 1.89 5.01
N CYS A 279 12.15 2.60 4.06
CA CYS A 279 12.16 4.05 4.04
C CYS A 279 12.30 4.56 2.60
N GLN A 280 11.84 5.79 2.41
CA GLN A 280 12.18 6.59 1.26
C GLN A 280 12.62 7.93 1.85
N GLY A 281 13.93 8.25 1.74
CA GLY A 281 14.51 9.37 2.50
C GLY A 281 14.05 9.24 3.97
N ARG A 282 13.53 10.35 4.51
CA ARG A 282 13.03 10.41 5.90
C ARG A 282 11.69 9.72 6.16
N THR A 283 10.95 9.34 5.13
CA THR A 283 9.62 8.73 5.30
C THR A 283 9.85 7.27 5.66
N MET A 284 9.70 6.99 6.94
CA MET A 284 9.94 5.66 7.49
C MET A 284 8.66 4.79 7.72
N ARG A 285 8.86 3.48 7.56
CA ARG A 285 7.80 2.49 7.77
C ARG A 285 8.33 1.21 8.49
N TRP A 286 7.47 0.56 9.28
CA TRP A 286 7.76 -0.71 9.94
C TRP A 286 6.73 -1.71 9.41
N ALA A 287 7.20 -2.74 8.73
CA ALA A 287 6.30 -3.73 8.14
C ALA A 287 6.16 -4.87 9.13
N LEU A 288 4.91 -5.27 9.37
CA LEU A 288 4.57 -6.38 10.23
C LEU A 288 3.61 -7.33 9.53
N ALA A 289 3.93 -8.62 9.58
CA ALA A 289 3.09 -9.68 9.01
C ALA A 289 2.99 -10.89 9.93
N TRP A 290 1.83 -11.55 9.90
CA TRP A 290 1.60 -12.75 10.67
C TRP A 290 0.75 -13.78 9.93
N SER A 291 0.83 -15.02 10.39
CA SER A 291 0.13 -16.15 9.76
C SER A 291 -0.21 -17.23 10.79
N PHE A 292 -1.25 -18.01 10.48
CA PHE A 292 -1.66 -19.15 11.27
C PHE A 292 -1.17 -20.47 10.67
N TYR A 293 -0.47 -20.43 9.54
CA TYR A 293 0.19 -21.61 9.00
C TYR A 293 1.51 -21.85 9.69
N ASP A 294 2.03 -23.07 9.58
CA ASP A 294 3.32 -23.45 10.17
C ASP A 294 4.48 -22.77 9.39
C1 EDO B . 22.87 -0.58 1.36
O1 EDO B . 21.49 -0.52 0.96
C2 EDO B . 23.61 -1.68 0.60
O2 EDO B . 23.34 -1.61 -0.81
C1 EDO C . 14.06 -0.30 -15.83
O1 EDO C . 12.93 -1.13 -16.15
C2 EDO C . 14.44 0.60 -17.01
O2 EDO C . 13.27 1.21 -17.60
C1 EDO D . 14.36 -3.85 4.49
O1 EDO D . 14.12 -5.24 4.77
C2 EDO D . 15.61 -3.55 3.65
O2 EDO D . 15.35 -3.51 2.24
C1 EDO E . -9.74 -23.39 13.82
O1 EDO E . -9.73 -24.06 12.55
C2 EDO E . -8.58 -23.85 14.68
O2 EDO E . -7.48 -24.31 13.86
N SAH F . -3.34 2.69 0.87
CA SAH F . -4.07 3.99 1.16
CB SAH F . -3.93 4.55 2.63
CG SAH F . -4.54 3.56 3.64
SD SAH F . -4.99 4.38 5.22
C SAH F . -3.58 5.14 0.21
O SAH F . -4.24 6.17 0.09
OXT SAH F . -2.54 5.04 -0.42
C5' SAH F . -6.27 5.60 4.81
C4' SAH F . -7.39 5.06 3.98
O4' SAH F . -8.08 4.03 4.68
C3' SAH F . -8.40 6.23 3.72
O3' SAH F . -8.60 6.22 2.33
C2' SAH F . -9.67 5.77 4.51
O2' SAH F . -10.85 6.07 3.82
C1' SAH F . -9.48 4.19 4.48
N9 SAH F . -10.09 3.47 5.58
C8 SAH F . -10.12 3.78 6.99
N7 SAH F . -10.76 2.85 7.69
C5 SAH F . -11.16 1.86 6.75
C6 SAH F . -11.87 0.61 6.87
N6 SAH F . -12.31 0.19 8.06
N1 SAH F . -12.14 -0.17 5.74
C2 SAH F . -11.69 0.33 4.55
N3 SAH F . -11.00 1.49 4.30
C4 SAH F . -10.75 2.23 5.43
#